data_6M90
#
_entry.id   6M90
#
_cell.length_a   82.760
_cell.length_b   82.760
_cell.length_c   111.820
_cell.angle_alpha   90.000
_cell.angle_beta   90.000
_cell.angle_gamma   120.000
#
_symmetry.space_group_name_H-M   'P 31'
#
loop_
_entity.id
_entity.type
_entity.pdbx_description
1 polymer 'F-box/WD repeat-containing protein 1A'
2 polymer Skp1
3 polymer 'Catenin beta-1'
4 non-polymer '2-(2-fluorophenoxy)-3-{[2-oxo-6-(trifluoromethyl)-1,2-dihydropyridine-3-carbonyl]amino}benzoic acid'
5 non-polymer 'PHOSPHATE ION'
6 water water
#
loop_
_entity_poly.entity_id
_entity_poly.type
_entity_poly.pdbx_seq_one_letter_code
_entity_poly.pdbx_strand_id
1 'polypeptide(L)'
;SMLQRDFITALPARGLDHIAENILSYLDAKSLCAAELVCKEWYRVTSDGMLWKKLIERMVRTDSLWRGLAERRGWGQYLF
KNKPPDGNAPPNSFYRALYPKIIQDIETIESNWRCGRHSLQRIHCRSETSKGVYCLQYDDQKIVSGLRDNTIKIWDKNTL
ECKRILTGHTGSVLCLQYDERVIITGSSDSTVRVWDVNTGEMLNTLIHHCEAVLHLRFNNGMMVTCSKDRSIAVWDMASP
TDITLRRVLVGHRAAVNVVDFDDKYIVSASGDRTIKVWNTSTCEFVRTLNGHKRGIACLQYRDRLVVSGSSDNTIRLWDI
ECGACLRVLEGHEELVRCIRFDNKRIVSGAYDGKIKVWDLVAALDPRAPAGTLCLRTLVEHSGRVFRLQFDEFQIVSSSH
DDTILIWDFLNDPAAQAEPPRSPSRTYTYISR
;
A
2 'polypeptide(L)'
;PSIKLQSSDGEIFEVDVEIAKQSVTIKTMLEDLGMDPVPLPNVNAAILKKVIQWCTHHKDDPPDDIPVWDQEFLKVDQGT
LFELILAANYLDIKGLLDVTCKTVANMIKGKTPEEIRKTFNIKNDFTEEEEAQVRKENQWCEEK
;
B
3 'polypeptide(L)' CDRKAAVSHWQQQSYLD(SEP)GIHSGATTTAPSLSG C
#
# COMPACT_ATOMS: atom_id res chain seq x y z
N SER A 1 5.53 -43.63 10.51
CA SER A 1 5.71 -42.19 10.52
C SER A 1 6.60 -41.75 11.68
N MET A 2 7.66 -40.99 11.37
CA MET A 2 8.58 -40.54 12.40
C MET A 2 7.96 -39.43 13.23
N LEU A 3 8.27 -39.42 14.53
CA LEU A 3 7.68 -38.42 15.41
C LEU A 3 8.20 -37.02 15.10
N GLN A 4 9.52 -36.88 15.00
CA GLN A 4 10.14 -35.60 14.70
C GLN A 4 11.03 -35.75 13.49
N ARG A 5 11.28 -34.62 12.82
CA ARG A 5 12.01 -34.62 11.56
C ARG A 5 12.65 -33.26 11.33
N ASP A 6 13.95 -33.26 11.01
CA ASP A 6 14.69 -32.04 10.69
C ASP A 6 14.42 -31.67 9.23
N PHE A 7 13.35 -30.89 9.01
CA PHE A 7 12.97 -30.49 7.66
C PHE A 7 14.10 -29.76 6.94
N ILE A 8 14.78 -28.85 7.63
CA ILE A 8 15.76 -28.00 6.96
C ILE A 8 17.04 -28.75 6.61
N THR A 9 17.36 -29.83 7.31
CA THR A 9 18.46 -30.68 6.85
C THR A 9 17.98 -31.68 5.80
N ALA A 10 16.79 -32.25 6.00
CA ALA A 10 16.35 -33.35 5.16
C ALA A 10 16.06 -32.90 3.73
N LEU A 11 15.42 -31.75 3.58
CA LEU A 11 15.03 -31.29 2.23
C LEU A 11 16.23 -31.05 1.33
N PRO A 12 17.27 -30.31 1.73
CA PRO A 12 18.45 -30.19 0.84
C PRO A 12 19.15 -31.50 0.61
N ALA A 13 19.09 -32.42 1.57
CA ALA A 13 19.80 -33.69 1.42
C ALA A 13 19.27 -34.48 0.23
N ARG A 14 17.97 -34.39 -0.02
CA ARG A 14 17.35 -35.10 -1.14
C ARG A 14 17.26 -34.24 -2.40
N GLY A 15 18.00 -33.14 -2.47
CA GLY A 15 17.97 -32.30 -3.65
C GLY A 15 16.78 -31.38 -3.74
N LEU A 16 16.14 -31.06 -2.62
CA LEU A 16 15.01 -30.14 -2.61
C LEU A 16 15.33 -28.90 -1.79
N ASP A 17 16.48 -28.28 -2.09
CA ASP A 17 16.93 -27.11 -1.35
C ASP A 17 15.92 -25.98 -1.37
N HIS A 18 15.26 -25.76 -2.52
CA HIS A 18 14.38 -24.60 -2.64
C HIS A 18 13.20 -24.69 -1.69
N ILE A 19 12.70 -25.89 -1.41
CA ILE A 19 11.62 -26.03 -0.43
C ILE A 19 12.09 -25.61 0.95
N ALA A 20 13.30 -26.02 1.35
CA ALA A 20 13.85 -25.61 2.63
C ALA A 20 14.04 -24.09 2.67
N GLU A 21 14.50 -23.51 1.57
CA GLU A 21 14.65 -22.06 1.51
C GLU A 21 13.29 -21.37 1.60
N ASN A 22 12.27 -21.94 0.98
CA ASN A 22 10.94 -21.33 1.02
C ASN A 22 10.37 -21.34 2.44
N ILE A 23 10.60 -22.41 3.20
CA ILE A 23 10.16 -22.44 4.59
C ILE A 23 10.79 -21.30 5.37
N LEU A 24 12.12 -21.14 5.23
CA LEU A 24 12.82 -20.11 5.97
C LEU A 24 12.48 -18.70 5.48
N SER A 25 12.02 -18.55 4.24
CA SER A 25 11.67 -17.23 3.74
C SER A 25 10.47 -16.64 4.47
N TYR A 26 9.67 -17.46 5.15
CA TYR A 26 8.52 -16.95 5.90
C TYR A 26 8.92 -16.33 7.22
N LEU A 27 10.14 -16.55 7.68
CA LEU A 27 10.56 -16.07 8.99
C LEU A 27 10.78 -14.56 9.00
N ASP A 28 10.40 -13.93 10.10
CA ASP A 28 10.82 -12.57 10.38
C ASP A 28 12.32 -12.56 10.67
N ALA A 29 12.88 -11.34 10.77
CA ALA A 29 14.32 -11.21 10.94
C ALA A 29 14.82 -11.95 12.17
N LYS A 30 14.17 -11.76 13.32
CA LYS A 30 14.66 -12.36 14.56
C LYS A 30 14.60 -13.88 14.51
N SER A 31 13.53 -14.42 13.91
CA SER A 31 13.44 -15.87 13.76
C SER A 31 14.47 -16.39 12.76
N LEU A 32 14.80 -15.57 11.75
CA LEU A 32 15.86 -15.96 10.82
C LEU A 32 17.21 -16.00 11.51
N CYS A 33 17.46 -15.05 12.42
CA CYS A 33 18.66 -15.11 13.24
C CYS A 33 18.67 -16.37 14.10
N ALA A 34 17.52 -16.71 14.70
CA ALA A 34 17.44 -17.94 15.49
C ALA A 34 17.72 -19.16 14.63
N ALA A 35 17.14 -19.21 13.43
CA ALA A 35 17.38 -20.34 12.54
C ALA A 35 18.86 -20.47 12.18
N GLU A 36 19.56 -19.34 12.08
CA GLU A 36 21.00 -19.36 11.80
C GLU A 36 21.79 -20.13 12.83
N LEU A 37 21.35 -20.09 14.09
CA LEU A 37 22.10 -20.66 15.20
C LEU A 37 21.61 -22.05 15.60
N VAL A 38 20.73 -22.66 14.80
CA VAL A 38 20.21 -23.98 15.16
C VAL A 38 21.29 -25.05 14.99
N CYS A 39 21.96 -25.06 13.84
CA CYS A 39 23.04 -26.00 13.57
C CYS A 39 23.71 -25.57 12.27
N LYS A 40 24.84 -26.22 11.98
CA LYS A 40 25.66 -25.80 10.84
C LYS A 40 24.90 -25.90 9.53
N GLU A 41 24.08 -26.94 9.36
CA GLU A 41 23.38 -27.09 8.09
C GLU A 41 22.27 -26.06 7.94
N TRP A 42 21.56 -25.76 9.03
CA TRP A 42 20.58 -24.68 8.99
C TRP A 42 21.25 -23.37 8.59
N TYR A 43 22.42 -23.08 9.15
CA TYR A 43 23.16 -21.89 8.77
C TYR A 43 23.52 -21.92 7.28
N ARG A 44 23.98 -23.08 6.79
CA ARG A 44 24.35 -23.17 5.37
C ARG A 44 23.16 -22.95 4.47
N VAL A 45 21.99 -23.46 4.85
CA VAL A 45 20.80 -23.28 4.02
C VAL A 45 20.43 -21.80 3.94
N THR A 46 20.49 -21.09 5.06
CA THR A 46 20.16 -19.66 5.03
C THR A 46 21.21 -18.87 4.26
N SER A 47 22.48 -19.26 4.38
CA SER A 47 23.56 -18.53 3.73
C SER A 47 23.62 -18.81 2.23
N ASP A 48 23.72 -20.10 1.86
CA ASP A 48 23.68 -20.46 0.45
C ASP A 48 22.36 -20.09 -0.20
N GLY A 49 21.29 -19.99 0.58
CA GLY A 49 20.01 -19.58 0.04
C GLY A 49 19.83 -18.09 -0.10
N MET A 50 20.79 -17.30 0.39
CA MET A 50 20.70 -15.84 0.35
C MET A 50 19.42 -15.35 1.02
N LEU A 51 19.15 -15.88 2.22
CA LEU A 51 17.89 -15.61 2.89
C LEU A 51 17.78 -14.16 3.33
N TRP A 52 18.90 -13.52 3.66
CA TRP A 52 18.85 -12.12 4.09
C TRP A 52 18.59 -11.19 2.91
N LYS A 53 19.17 -11.50 1.75
CA LYS A 53 18.81 -10.78 0.53
C LYS A 53 17.32 -10.97 0.22
N LYS A 54 16.81 -12.19 0.36
CA LYS A 54 15.40 -12.45 0.08
C LYS A 54 14.49 -11.77 1.08
N LEU A 55 14.92 -11.64 2.34
CA LEU A 55 14.10 -10.94 3.32
C LEU A 55 14.00 -9.46 3.01
N ILE A 56 15.12 -8.84 2.63
CA ILE A 56 15.09 -7.43 2.28
C ILE A 56 14.28 -7.21 1.00
N GLU A 57 14.39 -8.14 0.04
CA GLU A 57 13.60 -8.02 -1.19
C GLU A 57 12.11 -8.13 -0.91
N ARG A 58 11.72 -9.06 -0.03
CA ARG A 58 10.31 -9.17 0.32
C ARG A 58 9.79 -7.90 0.98
N MET A 59 10.63 -7.25 1.79
CA MET A 59 10.21 -6.00 2.42
C MET A 59 10.09 -4.87 1.41
N VAL A 60 11.03 -4.79 0.46
CA VAL A 60 10.95 -3.79 -0.59
C VAL A 60 9.70 -4.00 -1.44
N ARG A 61 9.32 -5.26 -1.65
CA ARG A 61 8.16 -5.58 -2.46
C ARG A 61 6.85 -5.22 -1.77
N THR A 62 6.84 -5.23 -0.43
CA THR A 62 5.59 -5.12 0.32
C THR A 62 5.50 -3.88 1.20
N ASP A 63 6.53 -3.05 1.26
CA ASP A 63 6.54 -1.88 2.12
C ASP A 63 7.16 -0.71 1.37
N SER A 64 6.35 0.34 1.13
CA SER A 64 6.85 1.51 0.43
C SER A 64 7.99 2.17 1.18
N LEU A 65 7.99 2.09 2.52
CA LEU A 65 9.08 2.67 3.29
C LEU A 65 10.40 2.00 2.96
N TRP A 66 10.43 0.67 2.98
CA TRP A 66 11.62 -0.07 2.55
C TRP A 66 11.91 0.18 1.08
N ARG A 67 10.87 0.19 0.24
CA ARG A 67 11.05 0.46 -1.18
C ARG A 67 11.64 1.85 -1.40
N GLY A 68 11.16 2.85 -0.67
CA GLY A 68 11.68 4.20 -0.82
C GLY A 68 13.12 4.31 -0.39
N LEU A 69 13.50 3.65 0.71
CA LEU A 69 14.87 3.74 1.18
C LEU A 69 15.82 2.96 0.28
N ALA A 70 15.35 1.87 -0.33
CA ALA A 70 16.17 1.16 -1.30
C ALA A 70 16.58 2.09 -2.44
N GLU A 71 15.67 2.94 -2.89
CA GLU A 71 16.01 3.88 -3.95
C GLU A 71 16.82 5.05 -3.41
N ARG A 72 16.42 5.60 -2.26
CA ARG A 72 17.05 6.82 -1.76
C ARG A 72 18.46 6.56 -1.22
N ARG A 73 18.66 5.41 -0.56
CA ARG A 73 19.98 5.10 -0.02
C ARG A 73 20.90 4.42 -1.03
N GLY A 74 20.34 3.76 -2.04
CA GLY A 74 21.15 3.14 -3.07
C GLY A 74 21.50 1.69 -2.87
N TRP A 75 21.04 1.06 -1.78
CA TRP A 75 21.27 -0.36 -1.65
C TRP A 75 20.27 -1.19 -2.45
N GLY A 76 19.18 -0.59 -2.93
CA GLY A 76 18.34 -1.26 -3.90
C GLY A 76 19.07 -1.60 -5.18
N GLN A 77 20.21 -0.94 -5.42
CA GLN A 77 21.11 -1.28 -6.52
C GLN A 77 21.41 -2.78 -6.58
N TYR A 78 21.56 -3.41 -5.43
CA TYR A 78 22.00 -4.80 -5.36
C TYR A 78 20.86 -5.82 -5.37
N LEU A 79 19.62 -5.36 -5.41
CA LEU A 79 18.48 -6.27 -5.27
C LEU A 79 17.94 -6.67 -6.64
N PHE A 80 17.21 -7.79 -6.66
CA PHE A 80 16.50 -8.26 -7.84
C PHE A 80 17.43 -8.44 -9.05
N PRO A 90 28.04 -9.51 -4.29
CA PRO A 90 27.70 -9.21 -2.89
C PRO A 90 27.20 -10.45 -2.15
N PRO A 91 27.96 -10.90 -1.15
CA PRO A 91 27.63 -12.14 -0.46
C PRO A 91 26.44 -12.00 0.48
N ASN A 92 26.01 -13.14 1.02
CA ASN A 92 24.89 -13.16 1.95
C ASN A 92 25.18 -12.29 3.17
N SER A 93 26.42 -12.31 3.66
CA SER A 93 26.76 -11.57 4.86
C SER A 93 26.56 -10.06 4.70
N PHE A 94 26.66 -9.56 3.46
CA PHE A 94 26.42 -8.14 3.24
C PHE A 94 24.99 -7.76 3.58
N TYR A 95 24.02 -8.58 3.15
CA TYR A 95 22.62 -8.30 3.43
C TYR A 95 22.28 -8.52 4.89
N ARG A 96 22.92 -9.51 5.54
CA ARG A 96 22.70 -9.71 6.97
C ARG A 96 23.17 -8.49 7.76
N ALA A 97 24.31 -7.91 7.38
CA ALA A 97 24.80 -6.70 8.02
C ALA A 97 24.02 -5.46 7.60
N LEU A 98 23.39 -5.48 6.44
CA LEU A 98 22.63 -4.33 5.99
C LEU A 98 21.30 -4.21 6.73
N TYR A 99 20.68 -5.34 7.07
CA TYR A 99 19.35 -5.31 7.67
C TYR A 99 19.26 -4.45 8.91
N PRO A 100 20.17 -4.55 9.90
CA PRO A 100 20.07 -3.63 11.05
C PRO A 100 20.31 -2.17 10.70
N LYS A 101 21.11 -1.89 9.68
CA LYS A 101 21.29 -0.50 9.25
C LYS A 101 19.98 0.07 8.73
N ILE A 102 19.20 -0.74 8.02
CA ILE A 102 17.89 -0.28 7.54
C ILE A 102 16.93 -0.06 8.70
N ILE A 103 16.98 -0.93 9.70
CA ILE A 103 16.07 -0.82 10.84
C ILE A 103 16.31 0.50 11.58
N GLN A 104 17.58 0.77 11.92
CA GLN A 104 17.89 2.02 12.60
C GLN A 104 17.62 3.22 11.69
N ASP A 105 17.73 3.02 10.37
CA ASP A 105 17.40 4.11 9.44
C ASP A 105 15.91 4.37 9.44
N ILE A 106 15.09 3.34 9.67
CA ILE A 106 13.66 3.57 9.81
C ILE A 106 13.37 4.28 11.13
N GLU A 107 14.05 3.87 12.19
CA GLU A 107 13.84 4.50 13.50
C GLU A 107 14.32 5.96 13.52
N THR A 108 15.39 6.30 12.79
CA THR A 108 15.78 7.71 12.79
C THR A 108 14.76 8.55 12.01
N ILE A 109 14.16 7.97 10.97
CA ILE A 109 13.14 8.70 10.21
C ILE A 109 11.90 8.89 11.06
N GLU A 110 11.43 7.81 11.72
CA GLU A 110 10.24 7.90 12.55
C GLU A 110 10.44 8.88 13.70
N SER A 111 11.66 8.94 14.25
CA SER A 111 11.97 9.91 15.27
C SER A 111 11.93 11.33 14.72
N ASN A 112 12.41 11.52 13.48
CA ASN A 112 12.42 12.85 12.89
C ASN A 112 11.00 13.36 12.66
N TRP A 113 10.08 12.48 12.27
CA TRP A 113 8.68 12.88 12.15
C TRP A 113 8.11 13.27 13.51
N ARG A 114 8.36 12.43 14.53
CA ARG A 114 7.82 12.69 15.85
C ARG A 114 8.38 13.96 16.46
N CYS A 115 9.63 14.29 16.16
CA CYS A 115 10.28 15.48 16.71
C CYS A 115 10.39 16.63 15.72
N GLY A 116 9.98 16.42 14.47
CA GLY A 116 9.98 17.51 13.52
C GLY A 116 11.34 17.98 13.08
N ARG A 117 12.36 17.14 13.23
CA ARG A 117 13.65 17.41 12.62
C ARG A 117 13.52 17.22 11.12
N HIS A 118 13.85 18.26 10.35
CA HIS A 118 13.69 18.20 8.91
C HIS A 118 14.58 19.25 8.28
N SER A 119 14.93 19.01 7.02
CA SER A 119 15.48 20.04 6.16
C SER A 119 14.35 20.64 5.33
N LEU A 120 14.58 21.85 4.83
CA LEU A 120 13.54 22.60 4.14
C LEU A 120 14.05 23.15 2.82
N GLN A 121 13.31 22.88 1.74
CA GLN A 121 13.52 23.54 0.46
C GLN A 121 12.33 24.43 0.15
N ARG A 122 12.61 25.64 -0.34
CA ARG A 122 11.59 26.64 -0.59
C ARG A 122 11.69 27.09 -2.04
N ILE A 123 10.64 26.86 -2.81
CA ILE A 123 10.53 27.37 -4.17
C ILE A 123 9.71 28.65 -4.13
N HIS A 124 10.29 29.74 -4.62
CA HIS A 124 9.56 30.98 -4.83
C HIS A 124 9.00 30.96 -6.25
N CYS A 125 7.67 30.85 -6.37
CA CYS A 125 7.06 30.71 -7.69
C CYS A 125 7.13 32.00 -8.51
N ARG A 126 7.47 33.14 -7.90
CA ARG A 126 7.72 34.39 -8.62
C ARG A 126 6.53 34.81 -9.47
N SER A 127 5.32 34.64 -8.95
CA SER A 127 4.13 35.07 -9.65
C SER A 127 4.15 36.59 -9.81
N GLU A 128 3.97 37.06 -11.04
CA GLU A 128 4.12 38.49 -11.32
C GLU A 128 3.00 39.30 -10.68
N THR A 129 1.76 38.85 -10.81
CA THR A 129 0.63 39.65 -10.33
C THR A 129 -0.15 38.96 -9.23
N SER A 130 -1.01 38.00 -9.60
CA SER A 130 -1.85 37.29 -8.63
C SER A 130 -1.05 36.14 -8.04
N LYS A 131 -0.72 36.24 -6.76
CA LYS A 131 0.15 35.28 -6.09
C LYS A 131 -0.65 34.11 -5.52
N GLY A 132 0.00 32.95 -5.45
CA GLY A 132 -0.57 31.81 -4.76
C GLY A 132 -0.55 30.53 -5.56
N VAL A 133 -0.35 29.41 -4.87
CA VAL A 133 -0.28 28.08 -5.48
C VAL A 133 -1.43 27.25 -4.90
N TYR A 134 -2.46 27.03 -5.71
CA TYR A 134 -3.68 26.39 -5.20
C TYR A 134 -3.55 24.88 -5.09
N CYS A 135 -2.71 24.24 -5.90
CA CYS A 135 -2.72 22.79 -5.97
C CYS A 135 -1.36 22.29 -6.45
N LEU A 136 -1.10 21.01 -6.20
CA LEU A 136 0.20 20.44 -6.52
C LEU A 136 0.10 18.92 -6.49
N GLN A 137 0.99 18.29 -7.24
CA GLN A 137 1.26 16.85 -7.16
C GLN A 137 2.72 16.66 -7.56
N TYR A 138 3.37 15.68 -6.93
CA TYR A 138 4.80 15.50 -7.16
C TYR A 138 5.13 14.02 -7.26
N ASP A 139 6.25 13.75 -7.91
CA ASP A 139 6.89 12.44 -7.90
C ASP A 139 8.38 12.69 -7.66
N ASP A 140 9.20 11.68 -7.92
CA ASP A 140 10.64 11.80 -7.72
C ASP A 140 11.31 12.72 -8.74
N GLN A 141 10.66 12.98 -9.87
CA GLN A 141 11.23 13.79 -10.94
C GLN A 141 10.75 15.24 -10.93
N LYS A 142 9.47 15.48 -10.61
CA LYS A 142 8.89 16.80 -10.84
C LYS A 142 7.85 17.13 -9.79
N ILE A 143 7.57 18.43 -9.68
CA ILE A 143 6.41 18.96 -8.96
C ILE A 143 5.57 19.72 -9.98
N VAL A 144 4.32 19.30 -10.15
CA VAL A 144 3.36 19.98 -11.02
C VAL A 144 2.44 20.82 -10.12
N SER A 145 2.33 22.12 -10.43
CA SER A 145 1.63 23.04 -9.55
C SER A 145 0.67 23.92 -10.36
N GLY A 146 -0.48 24.21 -9.76
CA GLY A 146 -1.48 25.10 -10.35
C GLY A 146 -1.52 26.41 -9.57
N LEU A 147 -1.57 27.52 -10.30
CA LEU A 147 -1.31 28.82 -9.72
C LEU A 147 -2.46 29.79 -9.96
N ARG A 148 -2.54 30.79 -9.09
CA ARG A 148 -3.52 31.85 -9.22
C ARG A 148 -3.27 32.74 -10.44
N ASP A 149 -2.10 32.67 -11.06
CA ASP A 149 -1.85 33.45 -12.27
C ASP A 149 -2.35 32.77 -13.54
N ASN A 150 -3.13 31.69 -13.41
CA ASN A 150 -3.80 30.94 -14.48
C ASN A 150 -2.90 29.93 -15.17
N THR A 151 -1.66 29.73 -14.71
CA THR A 151 -0.74 28.81 -15.35
C THR A 151 -0.51 27.57 -14.49
N ILE A 152 0.02 26.54 -15.14
CA ILE A 152 0.59 25.37 -14.47
C ILE A 152 2.10 25.43 -14.65
N LYS A 153 2.83 25.37 -13.55
CA LYS A 153 4.29 25.38 -13.58
C LYS A 153 4.80 24.02 -13.13
N ILE A 154 5.73 23.46 -13.89
CA ILE A 154 6.34 22.17 -13.60
C ILE A 154 7.78 22.42 -13.15
N TRP A 155 8.10 21.97 -11.94
CA TRP A 155 9.40 22.20 -11.33
C TRP A 155 10.18 20.89 -11.25
N ASP A 156 11.50 20.99 -11.43
CA ASP A 156 12.38 19.83 -11.28
C ASP A 156 12.52 19.50 -9.79
N LYS A 157 12.20 18.26 -9.43
CA LYS A 157 12.22 17.89 -8.02
C LYS A 157 13.61 18.05 -7.41
N ASN A 158 14.66 17.86 -8.20
CA ASN A 158 16.03 17.90 -7.68
C ASN A 158 16.65 19.29 -7.73
N THR A 159 16.54 19.98 -8.87
CA THR A 159 17.16 21.29 -9.03
C THR A 159 16.23 22.44 -8.66
N LEU A 160 14.95 22.17 -8.43
CA LEU A 160 13.93 23.15 -8.03
C LEU A 160 13.69 24.23 -9.09
N GLU A 161 14.27 24.09 -10.29
CA GLU A 161 14.04 25.05 -11.35
C GLU A 161 12.74 24.74 -12.09
N CYS A 162 12.19 25.78 -12.72
CA CYS A 162 10.96 25.65 -13.48
C CYS A 162 11.28 25.14 -14.89
N LYS A 163 10.69 24.00 -15.26
CA LYS A 163 10.98 23.39 -16.54
C LYS A 163 9.93 23.69 -17.61
N ARG A 164 8.68 23.93 -17.21
CA ARG A 164 7.63 24.18 -18.18
C ARG A 164 6.53 25.02 -17.55
N ILE A 165 5.99 25.95 -18.33
CA ILE A 165 4.82 26.73 -17.96
C ILE A 165 3.73 26.40 -18.96
N LEU A 166 2.59 25.93 -18.47
CA LEU A 166 1.45 25.58 -19.31
C LEU A 166 0.39 26.67 -19.19
N THR A 167 0.06 27.28 -20.32
CA THR A 167 -0.92 28.36 -20.38
C THR A 167 -2.12 27.92 -21.21
N GLY A 168 -3.27 28.52 -20.91
CA GLY A 168 -4.51 28.17 -21.59
C GLY A 168 -5.73 28.48 -20.75
N HIS A 169 -5.67 28.18 -19.46
CA HIS A 169 -6.73 28.60 -18.56
C HIS A 169 -6.81 30.12 -18.50
N THR A 170 -8.03 30.64 -18.37
CA THR A 170 -8.26 32.07 -18.22
C THR A 170 -8.61 32.44 -16.78
N GLY A 171 -8.55 31.49 -15.86
CA GLY A 171 -8.68 31.76 -14.44
C GLY A 171 -7.72 30.90 -13.65
N SER A 172 -7.74 31.07 -12.33
CA SER A 172 -6.82 30.35 -11.45
C SER A 172 -6.93 28.85 -11.66
N VAL A 173 -5.80 28.16 -11.55
CA VAL A 173 -5.77 26.70 -11.62
C VAL A 173 -5.99 26.19 -10.19
N LEU A 174 -7.20 25.71 -9.92
CA LEU A 174 -7.64 25.37 -8.56
C LEU A 174 -7.34 23.94 -8.17
N CYS A 175 -7.36 23.01 -9.13
CA CYS A 175 -7.14 21.61 -8.84
C CYS A 175 -6.41 20.97 -10.00
N LEU A 176 -5.68 19.89 -9.69
CA LEU A 176 -5.00 19.15 -10.74
C LEU A 176 -4.68 17.74 -10.23
N GLN A 177 -4.50 16.84 -11.19
CA GLN A 177 -3.97 15.51 -10.96
C GLN A 177 -3.31 15.07 -12.27
N TYR A 178 -2.27 14.25 -12.15
CA TYR A 178 -1.64 13.72 -13.34
C TYR A 178 -1.29 12.24 -13.12
N ASP A 179 -1.18 11.53 -14.23
CA ASP A 179 -0.66 10.16 -14.24
C ASP A 179 0.51 10.11 -15.21
N GLU A 180 0.80 8.93 -15.76
CA GLU A 180 1.95 8.84 -16.66
C GLU A 180 1.66 9.34 -18.07
N ARG A 181 0.42 9.74 -18.36
CA ARG A 181 0.06 10.20 -19.70
C ARG A 181 -0.43 11.64 -19.76
N VAL A 182 -1.24 12.09 -18.80
CA VAL A 182 -1.89 13.40 -18.90
C VAL A 182 -1.86 14.13 -17.56
N ILE A 183 -1.89 15.46 -17.65
CA ILE A 183 -2.27 16.33 -16.54
C ILE A 183 -3.68 16.82 -16.79
N ILE A 184 -4.54 16.74 -15.78
CA ILE A 184 -5.91 17.25 -15.87
C ILE A 184 -6.07 18.33 -14.80
N THR A 185 -6.61 19.47 -15.20
CA THR A 185 -6.71 20.65 -14.35
C THR A 185 -8.12 21.20 -14.38
N GLY A 186 -8.55 21.75 -13.24
CA GLY A 186 -9.79 22.49 -13.15
C GLY A 186 -9.53 23.90 -12.66
N SER A 187 -10.38 24.84 -13.09
CA SER A 187 -10.05 26.25 -12.99
C SER A 187 -11.26 27.10 -12.61
N SER A 188 -10.96 28.28 -12.09
CA SER A 188 -11.97 29.33 -11.91
C SER A 188 -12.70 29.67 -13.20
N ASP A 189 -12.12 29.35 -14.36
CA ASP A 189 -12.80 29.65 -15.61
C ASP A 189 -13.90 28.64 -15.95
N SER A 190 -14.18 27.71 -15.04
CA SER A 190 -15.24 26.71 -15.12
C SER A 190 -14.93 25.58 -16.10
N THR A 191 -13.73 25.51 -16.64
CA THR A 191 -13.37 24.44 -17.56
C THR A 191 -12.46 23.42 -16.88
N VAL A 192 -12.47 22.22 -17.46
CA VAL A 192 -11.50 21.18 -17.17
C VAL A 192 -10.64 21.03 -18.42
N ARG A 193 -9.32 20.98 -18.23
CA ARG A 193 -8.41 20.85 -19.35
C ARG A 193 -7.49 19.65 -19.17
N VAL A 194 -7.11 19.05 -20.29
CA VAL A 194 -6.26 17.86 -20.33
C VAL A 194 -5.00 18.22 -21.09
N TRP A 195 -3.84 17.97 -20.47
CA TRP A 195 -2.55 18.30 -21.04
C TRP A 195 -1.68 17.06 -21.14
N ASP A 196 -0.80 17.03 -22.14
CA ASP A 196 0.20 15.98 -22.24
C ASP A 196 1.26 16.19 -21.16
N VAL A 197 1.45 15.20 -20.29
CA VAL A 197 2.33 15.41 -19.14
C VAL A 197 3.79 15.50 -19.58
N ASN A 198 4.13 14.92 -20.75
CA ASN A 198 5.51 14.97 -21.22
C ASN A 198 5.81 16.28 -21.94
N THR A 199 4.96 16.66 -22.89
CA THR A 199 5.22 17.82 -23.74
C THR A 199 4.48 19.08 -23.30
N GLY A 200 3.43 18.96 -22.49
CA GLY A 200 2.64 20.10 -22.10
C GLY A 200 1.58 20.52 -23.09
N GLU A 201 1.47 19.83 -24.23
CA GLU A 201 0.48 20.18 -25.24
C GLU A 201 -0.93 20.03 -24.70
N MET A 202 -1.78 21.03 -24.95
CA MET A 202 -3.17 20.95 -24.54
C MET A 202 -3.92 19.99 -25.45
N LEU A 203 -4.54 18.97 -24.84
CA LEU A 203 -5.18 17.89 -25.58
C LEU A 203 -6.71 17.97 -25.63
N ASN A 204 -7.34 18.53 -24.61
CA ASN A 204 -8.80 18.58 -24.58
C ASN A 204 -9.25 19.64 -23.58
N THR A 205 -10.46 20.15 -23.81
CA THR A 205 -11.12 21.09 -22.91
C THR A 205 -12.56 20.65 -22.74
N LEU A 206 -13.01 20.55 -21.49
CA LEU A 206 -14.36 20.13 -21.17
C LEU A 206 -15.17 21.35 -20.75
N ILE A 207 -16.15 21.71 -21.58
CA ILE A 207 -17.11 22.75 -21.27
C ILE A 207 -18.35 22.07 -20.70
N HIS A 208 -18.67 22.36 -19.44
CA HIS A 208 -19.82 21.72 -18.80
C HIS A 208 -20.27 22.49 -17.57
N HIS A 209 -19.35 22.71 -16.63
CA HIS A 209 -19.74 23.35 -15.38
C HIS A 209 -20.06 24.82 -15.59
N CYS A 210 -21.02 25.33 -14.82
CA CYS A 210 -21.48 26.70 -14.92
C CYS A 210 -20.69 27.64 -14.03
N GLU A 211 -19.87 27.11 -13.13
CA GLU A 211 -19.06 27.90 -12.22
C GLU A 211 -17.73 27.18 -12.04
N ALA A 212 -16.86 27.80 -11.24
CA ALA A 212 -15.50 27.31 -11.04
C ALA A 212 -15.48 25.81 -10.75
N VAL A 213 -14.52 25.12 -11.36
CA VAL A 213 -14.27 23.70 -11.09
C VAL A 213 -13.32 23.63 -9.90
N LEU A 214 -13.85 23.24 -8.75
CA LEU A 214 -13.09 23.30 -7.50
C LEU A 214 -12.25 22.04 -7.24
N HIS A 215 -12.67 20.88 -7.73
CA HIS A 215 -11.86 19.69 -7.50
C HIS A 215 -12.13 18.67 -8.60
N LEU A 216 -11.18 17.74 -8.74
CA LEU A 216 -11.31 16.62 -9.67
C LEU A 216 -10.38 15.50 -9.20
N ARG A 217 -10.78 14.26 -9.51
CA ARG A 217 -9.94 13.08 -9.40
C ARG A 217 -10.23 12.17 -10.59
N PHE A 218 -9.22 11.41 -11.01
CA PHE A 218 -9.43 10.42 -12.06
C PHE A 218 -8.56 9.20 -11.80
N ASN A 219 -9.00 8.07 -12.36
CA ASN A 219 -8.31 6.79 -12.20
C ASN A 219 -9.01 5.75 -13.06
N ASN A 220 -8.21 4.94 -13.76
CA ASN A 220 -8.70 3.76 -14.46
C ASN A 220 -9.86 4.10 -15.41
N GLY A 221 -9.65 5.13 -16.23
CA GLY A 221 -10.58 5.47 -17.28
C GLY A 221 -11.79 6.29 -16.88
N MET A 222 -11.91 6.73 -15.63
CA MET A 222 -13.04 7.56 -15.26
C MET A 222 -12.56 8.73 -14.42
N MET A 223 -13.35 9.81 -14.43
CA MET A 223 -13.02 11.03 -13.71
C MET A 223 -14.27 11.59 -13.06
N VAL A 224 -14.12 12.17 -11.87
CA VAL A 224 -15.18 12.94 -11.23
C VAL A 224 -14.70 14.37 -11.07
N THR A 225 -15.56 15.31 -11.43
CA THR A 225 -15.30 16.74 -11.25
C THR A 225 -16.43 17.34 -10.44
N CYS A 226 -16.12 18.39 -9.69
CA CYS A 226 -17.12 19.06 -8.87
C CYS A 226 -16.87 20.55 -8.89
N SER A 227 -17.93 21.31 -8.61
CA SER A 227 -17.93 22.73 -8.95
C SER A 227 -18.68 23.55 -7.92
N LYS A 228 -18.38 24.85 -7.94
CA LYS A 228 -19.17 25.84 -7.23
C LYS A 228 -20.63 25.81 -7.68
N ASP A 229 -20.92 25.24 -8.87
CA ASP A 229 -22.31 25.17 -9.31
C ASP A 229 -23.13 24.10 -8.58
N ARG A 230 -22.55 23.50 -7.53
CA ARG A 230 -23.18 22.56 -6.60
C ARG A 230 -23.39 21.17 -7.20
N SER A 231 -22.76 20.86 -8.34
CA SER A 231 -22.94 19.58 -9.00
C SER A 231 -21.63 18.80 -9.02
N ILE A 232 -21.75 17.50 -9.23
CA ILE A 232 -20.63 16.61 -9.52
C ILE A 232 -20.88 16.01 -10.90
N ALA A 233 -19.82 15.97 -11.72
CA ALA A 233 -19.89 15.33 -13.03
C ALA A 233 -19.01 14.09 -13.02
N VAL A 234 -19.56 12.99 -13.54
CA VAL A 234 -18.84 11.72 -13.67
C VAL A 234 -18.57 11.50 -15.15
N TRP A 235 -17.30 11.30 -15.49
CA TRP A 235 -16.86 11.22 -16.88
C TRP A 235 -16.26 9.86 -17.18
N ASP A 236 -16.41 9.42 -18.42
CA ASP A 236 -15.73 8.24 -18.94
C ASP A 236 -14.67 8.70 -19.93
N MET A 237 -13.42 8.30 -19.67
CA MET A 237 -12.28 8.72 -20.49
C MET A 237 -11.76 7.52 -21.25
N ALA A 238 -12.18 7.38 -22.52
CA ALA A 238 -11.59 6.36 -23.38
C ALA A 238 -10.20 6.73 -23.85
N SER A 239 -9.84 8.01 -23.79
CA SER A 239 -8.57 8.55 -24.23
C SER A 239 -8.50 10.02 -23.83
N PRO A 240 -7.32 10.66 -23.86
CA PRO A 240 -7.26 12.09 -23.52
C PRO A 240 -8.17 12.96 -24.38
N THR A 241 -8.53 12.51 -25.58
CA THR A 241 -9.35 13.27 -26.50
C THR A 241 -10.77 12.73 -26.63
N ASP A 242 -11.10 11.63 -25.96
CA ASP A 242 -12.43 11.03 -26.02
C ASP A 242 -12.95 10.88 -24.60
N ILE A 243 -13.56 11.96 -24.09
CA ILE A 243 -14.08 12.01 -22.74
C ILE A 243 -15.56 12.32 -22.81
N THR A 244 -16.38 11.43 -22.27
CA THR A 244 -17.84 11.53 -22.35
C THR A 244 -18.42 11.72 -20.96
N LEU A 245 -19.38 12.63 -20.86
CA LEU A 245 -20.15 12.79 -19.62
C LEU A 245 -21.03 11.57 -19.40
N ARG A 246 -20.89 10.92 -18.26
CA ARG A 246 -21.73 9.79 -17.92
C ARG A 246 -22.94 10.18 -17.07
N ARG A 247 -22.71 10.88 -15.96
CA ARG A 247 -23.80 11.24 -15.04
C ARG A 247 -23.49 12.57 -14.38
N VAL A 248 -24.54 13.28 -13.99
CA VAL A 248 -24.44 14.46 -13.15
C VAL A 248 -25.10 14.13 -11.82
N LEU A 249 -24.35 14.25 -10.74
CA LEU A 249 -24.86 14.01 -9.40
C LEU A 249 -25.30 15.33 -8.78
N VAL A 250 -26.56 15.40 -8.37
CA VAL A 250 -27.09 16.58 -7.71
C VAL A 250 -27.65 16.18 -6.35
N GLY A 251 -27.60 17.13 -5.42
CA GLY A 251 -28.05 16.86 -4.07
C GLY A 251 -27.42 17.79 -3.07
N HIS A 252 -26.22 18.27 -3.37
CA HIS A 252 -25.57 19.25 -2.51
C HIS A 252 -26.26 20.60 -2.65
N ARG A 253 -26.40 21.31 -1.55
CA ARG A 253 -27.12 22.58 -1.52
C ARG A 253 -26.18 23.78 -1.53
N ALA A 254 -24.88 23.55 -1.70
CA ALA A 254 -23.91 24.62 -1.84
C ALA A 254 -22.78 24.09 -2.71
N ALA A 255 -21.77 24.94 -2.92
CA ALA A 255 -20.58 24.55 -3.69
C ALA A 255 -20.02 23.22 -3.18
N VAL A 256 -19.61 22.39 -4.12
CA VAL A 256 -18.94 21.14 -3.80
C VAL A 256 -17.44 21.42 -3.87
N ASN A 257 -16.78 21.38 -2.72
CA ASN A 257 -15.39 21.81 -2.61
C ASN A 257 -14.38 20.72 -2.91
N VAL A 258 -14.77 19.45 -2.79
CA VAL A 258 -13.81 18.36 -2.96
C VAL A 258 -14.57 17.11 -3.35
N VAL A 259 -13.92 16.25 -4.13
CA VAL A 259 -14.48 14.96 -4.50
C VAL A 259 -13.33 13.96 -4.56
N ASP A 260 -13.60 12.73 -4.12
CA ASP A 260 -12.67 11.62 -4.19
C ASP A 260 -13.49 10.36 -4.47
N PHE A 261 -12.83 9.29 -4.92
CA PHE A 261 -13.56 8.07 -5.25
C PHE A 261 -12.63 6.87 -5.34
N ASP A 262 -13.24 5.68 -5.30
CA ASP A 262 -12.59 4.44 -5.70
C ASP A 262 -13.63 3.59 -6.42
N ASP A 263 -13.39 2.28 -6.52
CA ASP A 263 -14.31 1.40 -7.24
C ASP A 263 -15.63 1.25 -6.50
N LYS A 264 -15.63 1.44 -5.18
CA LYS A 264 -16.86 1.29 -4.41
C LYS A 264 -17.70 2.55 -4.44
N TYR A 265 -17.12 3.68 -4.03
CA TYR A 265 -17.87 4.88 -3.74
C TYR A 265 -17.23 6.12 -4.32
N ILE A 266 -18.07 7.11 -4.63
CA ILE A 266 -17.68 8.50 -4.84
C ILE A 266 -18.01 9.27 -3.56
N VAL A 267 -17.09 10.12 -3.11
CA VAL A 267 -17.24 10.85 -1.86
C VAL A 267 -17.06 12.33 -2.16
N SER A 268 -18.07 13.14 -1.82
CA SER A 268 -18.09 14.58 -2.08
C SER A 268 -18.37 15.34 -0.80
N ALA A 269 -17.83 16.56 -0.70
CA ALA A 269 -18.06 17.38 0.48
C ALA A 269 -18.25 18.83 0.07
N SER A 270 -19.01 19.58 0.88
CA SER A 270 -19.64 20.80 0.40
C SER A 270 -19.69 21.86 1.49
N GLY A 271 -19.86 23.11 1.05
CA GLY A 271 -20.19 24.20 1.94
C GLY A 271 -21.48 23.99 2.72
N ASP A 272 -22.35 23.07 2.26
CA ASP A 272 -23.59 22.77 2.96
C ASP A 272 -23.37 21.92 4.22
N ARG A 273 -22.13 21.79 4.68
CA ARG A 273 -21.71 21.11 5.90
C ARG A 273 -21.80 19.59 5.83
N THR A 274 -21.99 19.01 4.65
CA THR A 274 -22.19 17.56 4.55
C THR A 274 -21.15 16.91 3.64
N ILE A 275 -20.92 15.63 3.92
CA ILE A 275 -20.24 14.71 3.02
C ILE A 275 -21.31 13.80 2.43
N LYS A 276 -21.28 13.59 1.12
CA LYS A 276 -22.25 12.71 0.48
C LYS A 276 -21.53 11.54 -0.20
N VAL A 277 -22.13 10.37 -0.09
CA VAL A 277 -21.57 9.12 -0.57
C VAL A 277 -22.43 8.61 -1.72
N TRP A 278 -21.78 8.27 -2.83
CA TRP A 278 -22.46 7.81 -4.03
C TRP A 278 -21.85 6.50 -4.49
N ASN A 279 -22.68 5.65 -5.09
CA ASN A 279 -22.22 4.37 -5.63
C ASN A 279 -21.49 4.60 -6.94
N THR A 280 -20.21 4.22 -7.01
CA THR A 280 -19.42 4.47 -8.22
C THR A 280 -20.03 3.79 -9.43
N SER A 281 -20.50 2.55 -9.27
CA SER A 281 -21.03 1.78 -10.40
C SER A 281 -22.30 2.40 -10.96
N THR A 282 -23.24 2.75 -10.09
CA THR A 282 -24.56 3.20 -10.51
C THR A 282 -24.75 4.71 -10.43
N CYS A 283 -23.84 5.43 -9.77
CA CYS A 283 -23.94 6.86 -9.53
C CYS A 283 -25.17 7.23 -8.71
N GLU A 284 -25.72 6.25 -7.96
CA GLU A 284 -26.86 6.48 -7.09
C GLU A 284 -26.40 6.99 -5.73
N PHE A 285 -27.16 7.91 -5.17
CA PHE A 285 -26.88 8.42 -3.83
C PHE A 285 -26.97 7.32 -2.79
N VAL A 286 -26.10 7.36 -1.80
CA VAL A 286 -26.06 6.32 -0.77
C VAL A 286 -26.41 6.91 0.59
N ARG A 287 -25.64 7.90 1.06
CA ARG A 287 -25.88 8.44 2.39
C ARG A 287 -25.20 9.79 2.55
N THR A 288 -25.69 10.56 3.52
CA THR A 288 -25.13 11.84 3.92
C THR A 288 -24.42 11.67 5.26
N LEU A 289 -23.17 12.15 5.34
CA LEU A 289 -22.43 12.18 6.60
C LEU A 289 -22.58 13.59 7.19
N ASN A 290 -23.30 13.67 8.31
CA ASN A 290 -23.47 14.91 9.05
C ASN A 290 -22.53 14.92 10.27
N GLY A 291 -22.22 16.13 10.72
CA GLY A 291 -21.39 16.25 11.91
C GLY A 291 -20.59 17.53 11.98
N HIS A 292 -19.91 17.88 10.88
CA HIS A 292 -19.23 19.16 10.82
C HIS A 292 -20.25 20.29 11.01
N LYS A 293 -19.85 21.32 11.74
CA LYS A 293 -20.74 22.43 12.06
C LYS A 293 -20.65 23.55 11.03
N ARG A 294 -19.71 23.47 10.10
CA ARG A 294 -19.56 24.45 9.03
C ARG A 294 -19.19 23.72 7.76
N GLY A 295 -18.94 24.49 6.69
CA GLY A 295 -18.63 23.88 5.42
C GLY A 295 -17.35 23.06 5.47
N ILE A 296 -17.26 22.09 4.58
CA ILE A 296 -16.09 21.22 4.49
C ILE A 296 -15.20 21.68 3.35
N ALA A 297 -13.92 21.86 3.64
CA ALA A 297 -12.97 22.42 2.68
C ALA A 297 -12.10 21.36 2.00
N CYS A 298 -11.89 20.21 2.64
CA CYS A 298 -10.94 19.24 2.10
C CYS A 298 -11.31 17.85 2.59
N LEU A 299 -10.76 16.85 1.89
CA LEU A 299 -11.19 15.48 2.13
C LEU A 299 -10.23 14.54 1.41
N GLN A 300 -10.01 13.37 2.01
CA GLN A 300 -9.40 12.23 1.34
C GLN A 300 -10.14 10.96 1.76
N TYR A 301 -10.31 10.04 0.80
CA TYR A 301 -11.02 8.80 1.02
C TYR A 301 -10.20 7.65 0.44
N ARG A 302 -10.04 6.58 1.21
CA ARG A 302 -9.44 5.37 0.70
C ARG A 302 -9.84 4.22 1.61
N ASP A 303 -10.04 3.04 1.01
CA ASP A 303 -10.49 1.85 1.72
C ASP A 303 -11.84 2.10 2.39
N ARG A 304 -11.87 2.13 3.72
CA ARG A 304 -13.08 2.46 4.46
C ARG A 304 -13.02 3.81 5.15
N LEU A 305 -11.88 4.51 5.06
CA LEU A 305 -11.64 5.71 5.85
C LEU A 305 -11.85 6.96 5.01
N VAL A 306 -12.66 7.89 5.54
CA VAL A 306 -12.77 9.24 5.01
C VAL A 306 -12.24 10.19 6.08
N VAL A 307 -11.37 11.12 5.68
CA VAL A 307 -10.86 12.16 6.55
C VAL A 307 -11.18 13.51 5.93
N SER A 308 -11.80 14.40 6.72
CA SER A 308 -12.28 15.69 6.22
C SER A 308 -11.83 16.83 7.11
N GLY A 309 -11.61 17.99 6.50
CA GLY A 309 -11.28 19.21 7.23
C GLY A 309 -12.29 20.29 6.91
N SER A 310 -12.60 21.11 7.92
CA SER A 310 -13.77 21.97 7.85
C SER A 310 -13.43 23.39 8.31
N SER A 311 -14.31 24.32 7.92
CA SER A 311 -14.28 25.66 8.46
C SER A 311 -14.52 25.69 9.96
N ASP A 312 -15.02 24.61 10.54
CA ASP A 312 -15.19 24.56 11.99
C ASP A 312 -13.89 24.32 12.73
N ASN A 313 -12.76 24.30 12.01
CA ASN A 313 -11.41 24.12 12.51
C ASN A 313 -11.11 22.69 12.95
N THR A 314 -12.03 21.75 12.74
CA THR A 314 -11.83 20.37 13.16
C THR A 314 -11.57 19.45 11.97
N ILE A 315 -11.01 18.28 12.28
CA ILE A 315 -10.86 17.18 11.34
C ILE A 315 -11.70 16.02 11.85
N ARG A 316 -12.40 15.34 10.94
CA ARG A 316 -13.23 14.21 11.31
C ARG A 316 -12.84 12.98 10.52
N LEU A 317 -12.79 11.84 11.22
CA LEU A 317 -12.53 10.54 10.61
C LEU A 317 -13.85 9.77 10.57
N TRP A 318 -14.13 9.15 9.44
CA TRP A 318 -15.39 8.46 9.23
C TRP A 318 -15.15 7.08 8.64
N ASP A 319 -16.01 6.14 9.00
CA ASP A 319 -16.10 4.88 8.30
C ASP A 319 -17.14 4.99 7.20
N ILE A 320 -16.76 4.64 5.98
CA ILE A 320 -17.63 4.89 4.83
C ILE A 320 -18.86 3.98 4.85
N GLU A 321 -18.76 2.78 5.43
CA GLU A 321 -19.84 1.81 5.29
C GLU A 321 -21.01 2.13 6.23
N CYS A 322 -20.73 2.42 7.49
CA CYS A 322 -21.79 2.77 8.43
C CYS A 322 -21.94 4.28 8.62
N GLY A 323 -21.06 5.09 8.05
CA GLY A 323 -21.14 6.52 8.17
C GLY A 323 -20.78 7.09 9.52
N ALA A 324 -20.33 6.25 10.45
CA ALA A 324 -20.00 6.73 11.79
C ALA A 324 -18.76 7.62 11.74
N CYS A 325 -18.76 8.66 12.57
CA CYS A 325 -17.55 9.44 12.80
C CYS A 325 -16.75 8.75 13.89
N LEU A 326 -15.52 8.34 13.56
CA LEU A 326 -14.70 7.56 14.48
C LEU A 326 -13.88 8.43 15.43
N ARG A 327 -13.62 9.68 15.06
CA ARG A 327 -12.76 10.54 15.86
C ARG A 327 -12.88 11.97 15.35
N VAL A 328 -12.91 12.91 16.29
CA VAL A 328 -12.82 14.33 16.00
C VAL A 328 -11.44 14.81 16.44
N LEU A 329 -10.71 15.45 15.53
CA LEU A 329 -9.38 15.97 15.80
C LEU A 329 -9.46 17.48 15.96
N GLU A 330 -9.18 17.96 17.16
CA GLU A 330 -9.15 19.38 17.45
C GLU A 330 -7.71 19.83 17.66
N GLY A 331 -7.45 21.09 17.32
CA GLY A 331 -6.11 21.63 17.47
C GLY A 331 -5.80 22.77 16.51
N HIS A 332 -6.24 22.66 15.26
CA HIS A 332 -6.04 23.75 14.32
C HIS A 332 -6.75 25.00 14.81
N GLU A 333 -6.09 26.14 14.63
CA GLU A 333 -6.65 27.42 15.08
C GLU A 333 -7.41 28.16 13.98
N GLU A 334 -7.39 27.65 12.74
CA GLU A 334 -8.10 28.29 11.64
C GLU A 334 -8.67 27.19 10.74
N LEU A 335 -9.29 27.62 9.64
CA LEU A 335 -9.93 26.69 8.71
C LEU A 335 -8.95 25.64 8.21
N VAL A 336 -9.36 24.37 8.27
CA VAL A 336 -8.53 23.27 7.76
C VAL A 336 -8.74 23.19 6.25
N ARG A 337 -7.71 23.56 5.48
CA ARG A 337 -7.84 23.81 4.05
C ARG A 337 -7.37 22.65 3.18
N CYS A 338 -6.42 21.85 3.65
CA CYS A 338 -5.99 20.66 2.92
C CYS A 338 -5.65 19.56 3.89
N ILE A 339 -5.82 18.32 3.45
CA ILE A 339 -5.60 17.17 4.32
C ILE A 339 -5.30 15.95 3.46
N ARG A 340 -4.32 15.17 3.91
CA ARG A 340 -3.97 13.89 3.32
C ARG A 340 -3.66 12.90 4.43
N PHE A 341 -3.67 11.62 4.10
CA PHE A 341 -3.28 10.60 5.05
C PHE A 341 -2.69 9.40 4.31
N ASP A 342 -1.81 8.67 5.00
CA ASP A 342 -1.34 7.37 4.53
C ASP A 342 -1.62 6.32 5.60
N ASN A 343 -0.78 5.29 5.69
CA ASN A 343 -1.00 4.22 6.66
C ASN A 343 -0.62 4.63 8.09
N LYS A 344 0.18 5.67 8.25
CA LYS A 344 0.70 6.05 9.57
C LYS A 344 0.22 7.42 10.06
N ARG A 345 0.07 8.39 9.18
CA ARG A 345 -0.12 9.76 9.63
C ARG A 345 -1.22 10.46 8.85
N ILE A 346 -1.77 11.49 9.48
CA ILE A 346 -2.58 12.50 8.80
C ILE A 346 -1.79 13.80 8.81
N VAL A 347 -1.74 14.46 7.66
CA VAL A 347 -1.07 15.76 7.53
C VAL A 347 -2.09 16.75 7.00
N SER A 348 -2.26 17.87 7.71
CA SER A 348 -3.27 18.86 7.40
C SER A 348 -2.66 20.25 7.40
N GLY A 349 -3.22 21.13 6.57
CA GLY A 349 -2.80 22.52 6.52
C GLY A 349 -3.99 23.44 6.72
N ALA A 350 -3.71 24.62 7.30
CA ALA A 350 -4.74 25.51 7.79
C ALA A 350 -4.60 26.90 7.19
N TYR A 351 -5.61 27.74 7.43
CA TYR A 351 -5.62 29.11 6.94
C TYR A 351 -4.61 30.00 7.64
N ASP A 352 -4.10 29.61 8.81
CA ASP A 352 -3.08 30.38 9.50
C ASP A 352 -1.67 30.00 9.08
N GLY A 353 -1.51 29.26 7.98
CA GLY A 353 -0.21 28.88 7.48
C GLY A 353 0.44 27.70 8.15
N LYS A 354 -0.21 27.08 9.14
CA LYS A 354 0.38 26.01 9.92
C LYS A 354 0.02 24.64 9.37
N ILE A 355 0.96 23.71 9.49
CA ILE A 355 0.78 22.32 9.09
C ILE A 355 0.88 21.46 10.35
N LYS A 356 -0.04 20.50 10.50
CA LYS A 356 -0.04 19.61 11.65
C LYS A 356 0.09 18.16 11.20
N VAL A 357 0.83 17.39 11.98
CA VAL A 357 1.03 15.97 11.77
C VAL A 357 0.29 15.22 12.87
N TRP A 358 -0.58 14.29 12.49
CA TRP A 358 -1.40 13.54 13.42
C TRP A 358 -1.05 12.06 13.37
N ASP A 359 -1.14 11.40 14.53
CA ASP A 359 -0.90 9.97 14.65
C ASP A 359 -2.19 9.25 14.29
N LEU A 360 -2.23 8.66 13.09
CA LEU A 360 -3.48 8.10 12.58
C LEU A 360 -3.87 6.84 13.34
N VAL A 361 -2.90 5.97 13.63
CA VAL A 361 -3.20 4.75 14.39
C VAL A 361 -3.79 5.11 15.74
N ALA A 362 -3.15 6.04 16.46
CA ALA A 362 -3.69 6.49 17.73
C ALA A 362 -5.06 7.12 17.58
N ALA A 363 -5.27 7.88 16.49
CA ALA A 363 -6.56 8.54 16.29
C ALA A 363 -7.68 7.54 16.03
N LEU A 364 -7.37 6.40 15.40
CA LEU A 364 -8.36 5.36 15.14
C LEU A 364 -8.57 4.43 16.32
N ASP A 365 -7.81 4.61 17.41
CA ASP A 365 -8.00 3.85 18.63
C ASP A 365 -8.82 4.69 19.59
N PRO A 366 -10.08 4.33 19.89
CA PRO A 366 -10.90 5.18 20.76
C PRO A 366 -10.41 5.27 22.19
N ARG A 367 -9.40 4.48 22.58
CA ARG A 367 -8.82 4.59 23.92
C ARG A 367 -7.79 5.71 24.02
N ALA A 368 -7.19 6.12 22.91
CA ALA A 368 -6.13 7.12 22.97
C ALA A 368 -6.71 8.49 23.32
N PRO A 369 -6.07 9.24 24.20
CA PRO A 369 -6.56 10.58 24.53
C PRO A 369 -6.32 11.57 23.40
N ALA A 370 -7.06 12.67 23.44
CA ALA A 370 -6.99 13.64 22.36
C ALA A 370 -5.65 14.37 22.33
N GLY A 371 -5.09 14.65 23.50
CA GLY A 371 -3.84 15.41 23.58
C GLY A 371 -2.64 14.69 22.98
N THR A 372 -2.71 13.38 22.83
CA THR A 372 -1.61 12.61 22.26
C THR A 372 -1.70 12.47 20.74
N LEU A 373 -2.65 13.13 20.09
CA LEU A 373 -2.91 12.82 18.69
C LEU A 373 -2.12 13.69 17.74
N CYS A 374 -1.92 14.97 18.07
CA CYS A 374 -1.14 15.86 17.22
C CYS A 374 0.34 15.64 17.52
N LEU A 375 1.06 15.05 16.59
CA LEU A 375 2.48 14.80 16.82
C LEU A 375 3.28 16.09 16.79
N ARG A 376 3.03 16.95 15.79
CA ARG A 376 3.77 18.20 15.67
C ARG A 376 3.00 19.22 14.86
N THR A 377 3.35 20.48 15.08
CA THR A 377 2.89 21.60 14.29
C THR A 377 4.09 22.19 13.56
N LEU A 378 3.95 22.36 12.25
CA LEU A 378 5.03 22.83 11.39
C LEU A 378 4.65 24.20 10.85
N VAL A 379 5.50 25.20 11.10
CA VAL A 379 5.20 26.60 10.79
C VAL A 379 6.32 27.14 9.93
N GLU A 380 6.13 27.12 8.61
CA GLU A 380 7.07 27.77 7.69
C GLU A 380 6.38 28.53 6.58
N HIS A 381 5.07 28.44 6.42
CA HIS A 381 4.35 29.25 5.46
C HIS A 381 3.92 30.56 6.10
N SER A 382 3.86 31.61 5.27
CA SER A 382 3.40 32.91 5.72
C SER A 382 2.01 33.25 5.20
N GLY A 383 1.31 32.28 4.61
CA GLY A 383 -0.04 32.47 4.13
C GLY A 383 -0.79 31.17 4.21
N ARG A 384 -2.06 31.22 3.81
CA ARG A 384 -2.92 30.04 3.86
C ARG A 384 -2.29 28.87 3.10
N VAL A 385 -2.34 27.69 3.72
CA VAL A 385 -1.84 26.46 3.09
C VAL A 385 -2.97 25.89 2.24
N PHE A 386 -2.77 25.83 0.93
CA PHE A 386 -3.82 25.42 -0.01
C PHE A 386 -3.78 23.94 -0.34
N ARG A 387 -2.60 23.31 -0.31
CA ARG A 387 -2.50 21.94 -0.78
C ARG A 387 -1.23 21.31 -0.23
N LEU A 388 -1.30 20.01 0.05
CA LEU A 388 -0.11 19.26 0.43
C LEU A 388 -0.23 17.83 -0.07
N GLN A 389 0.93 17.19 -0.19
CA GLN A 389 1.05 15.78 -0.50
C GLN A 389 2.27 15.29 0.26
N PHE A 390 2.22 14.04 0.74
CA PHE A 390 3.34 13.55 1.53
C PHE A 390 3.53 12.05 1.32
N ASP A 391 4.65 11.55 1.82
CA ASP A 391 4.97 10.13 1.77
C ASP A 391 5.78 9.80 3.03
N GLU A 392 6.54 8.70 2.98
CA GLU A 392 7.28 8.26 4.15
CA GLU A 392 7.28 8.26 4.15
C GLU A 392 8.39 9.25 4.52
N PHE A 393 8.93 9.97 3.55
CA PHE A 393 10.12 10.78 3.79
C PHE A 393 9.87 12.29 3.79
N GLN A 394 8.78 12.77 3.17
CA GLN A 394 8.69 14.21 2.99
C GLN A 394 7.25 14.67 2.89
N ILE A 395 7.07 15.98 3.06
CA ILE A 395 5.84 16.69 2.75
C ILE A 395 6.16 17.73 1.70
N VAL A 396 5.27 17.87 0.73
CA VAL A 396 5.33 18.97 -0.22
C VAL A 396 4.03 19.77 -0.08
N SER A 397 4.17 21.06 0.21
CA SER A 397 3.03 21.93 0.48
C SER A 397 3.15 23.21 -0.32
N SER A 398 2.00 23.84 -0.57
CA SER A 398 1.95 25.08 -1.33
C SER A 398 0.95 26.03 -0.66
N SER A 399 1.12 27.33 -0.91
CA SER A 399 0.46 28.31 -0.08
C SER A 399 0.09 29.56 -0.87
N HIS A 400 -0.80 30.35 -0.27
CA HIS A 400 -1.11 31.68 -0.76
C HIS A 400 0.12 32.57 -0.82
N ASP A 401 1.15 32.29 0.01
CA ASP A 401 2.39 33.07 0.04
C ASP A 401 3.25 32.87 -1.20
N ASP A 402 2.76 32.12 -2.19
CA ASP A 402 3.42 31.93 -3.48
C ASP A 402 4.67 31.08 -3.37
N THR A 403 4.73 30.18 -2.39
CA THR A 403 5.87 29.27 -2.25
C THR A 403 5.40 27.83 -2.25
N ILE A 404 6.29 26.94 -2.67
CA ILE A 404 6.17 25.50 -2.51
C ILE A 404 7.29 25.06 -1.58
N LEU A 405 6.93 24.34 -0.52
CA LEU A 405 7.90 23.87 0.46
C LEU A 405 8.05 22.36 0.38
N ILE A 406 9.29 21.90 0.50
CA ILE A 406 9.61 20.47 0.61
C ILE A 406 10.19 20.26 2.00
N TRP A 407 9.47 19.55 2.85
CA TRP A 407 9.91 19.21 4.20
C TRP A 407 10.46 17.80 4.16
N ASP A 408 11.77 17.65 4.38
CA ASP A 408 12.44 16.36 4.24
C ASP A 408 12.85 15.84 5.62
N PHE A 409 12.25 14.73 6.03
CA PHE A 409 12.49 14.14 7.34
C PHE A 409 13.54 13.03 7.30
N LEU A 410 14.31 12.95 6.23
CA LEU A 410 15.39 11.97 6.09
C LEU A 410 16.71 12.74 5.92
N ASN A 411 17.59 12.63 6.90
CA ASN A 411 18.87 13.33 6.83
C ASN A 411 20.02 12.35 6.60
N PRO B 1 -16.52 -37.03 -14.87
CA PRO B 1 -15.82 -38.30 -15.02
C PRO B 1 -14.88 -38.61 -13.85
N SER B 2 -14.57 -39.89 -13.65
CA SER B 2 -13.68 -40.33 -12.59
C SER B 2 -12.43 -40.96 -13.18
N ILE B 3 -11.29 -40.70 -12.56
CA ILE B 3 -9.99 -41.24 -12.98
C ILE B 3 -9.43 -42.07 -11.85
N LYS B 4 -8.84 -43.22 -12.19
CA LYS B 4 -8.26 -44.12 -11.21
C LYS B 4 -6.82 -43.71 -10.91
N LEU B 5 -6.52 -43.45 -9.64
CA LEU B 5 -5.17 -43.19 -9.17
C LEU B 5 -4.59 -44.45 -8.54
N GLN B 6 -3.35 -44.76 -8.88
CA GLN B 6 -2.69 -45.97 -8.41
C GLN B 6 -1.53 -45.59 -7.49
N SER B 7 -1.68 -45.88 -6.21
CA SER B 7 -0.64 -45.55 -5.23
C SER B 7 0.55 -46.50 -5.39
N SER B 8 1.65 -46.14 -4.73
CA SER B 8 2.86 -46.95 -4.82
C SER B 8 2.65 -48.34 -4.24
N ASP B 9 1.73 -48.49 -3.28
CA ASP B 9 1.37 -49.81 -2.78
C ASP B 9 0.63 -50.62 -3.84
N GLY B 10 -0.30 -50.00 -4.54
CA GLY B 10 -1.12 -50.69 -5.51
C GLY B 10 -2.60 -50.41 -5.32
N GLU B 11 -2.96 -49.85 -4.17
CA GLU B 11 -4.35 -49.50 -3.91
C GLU B 11 -4.80 -48.41 -4.89
N ILE B 12 -5.96 -48.63 -5.50
CA ILE B 12 -6.48 -47.74 -6.53
C ILE B 12 -7.58 -46.88 -5.93
N PHE B 13 -7.53 -45.58 -6.23
CA PHE B 13 -8.52 -44.62 -5.75
C PHE B 13 -9.29 -44.07 -6.93
N GLU B 14 -10.63 -44.12 -6.84
CA GLU B 14 -11.49 -43.48 -7.83
C GLU B 14 -11.70 -42.03 -7.40
N VAL B 15 -11.22 -41.10 -8.23
CA VAL B 15 -11.25 -39.68 -7.93
C VAL B 15 -11.86 -38.95 -9.11
N ASP B 16 -12.69 -37.95 -8.82
CA ASP B 16 -13.23 -37.10 -9.87
C ASP B 16 -12.10 -36.38 -10.59
N VAL B 17 -12.22 -36.27 -11.92
CA VAL B 17 -11.15 -35.70 -12.74
C VAL B 17 -10.87 -34.25 -12.35
N GLU B 18 -11.90 -33.53 -11.91
CA GLU B 18 -11.68 -32.14 -11.48
C GLU B 18 -10.86 -32.07 -10.20
N ILE B 19 -10.98 -33.07 -9.32
CA ILE B 19 -10.17 -33.11 -8.11
C ILE B 19 -8.76 -33.59 -8.45
N ALA B 20 -8.64 -34.59 -9.34
CA ALA B 20 -7.33 -35.13 -9.69
C ALA B 20 -6.47 -34.08 -10.37
N LYS B 21 -7.07 -33.22 -11.19
CA LYS B 21 -6.33 -32.24 -11.96
C LYS B 21 -5.88 -31.03 -11.13
N GLN B 22 -6.14 -31.03 -9.83
CA GLN B 22 -5.48 -30.08 -8.95
C GLN B 22 -4.00 -30.37 -8.82
N SER B 23 -3.59 -31.61 -9.04
CA SER B 23 -2.18 -31.96 -9.18
C SER B 23 -1.76 -31.69 -10.62
N VAL B 24 -0.87 -30.72 -10.82
CA VAL B 24 -0.35 -30.43 -12.15
C VAL B 24 0.33 -31.66 -12.73
N THR B 25 1.00 -32.44 -11.88
CA THR B 25 1.63 -33.66 -12.35
C THR B 25 0.61 -34.64 -12.91
N ILE B 26 -0.47 -34.88 -12.16
CA ILE B 26 -1.51 -35.80 -12.63
C ILE B 26 -2.22 -35.22 -13.84
N LYS B 27 -2.39 -33.90 -13.89
CA LYS B 27 -3.00 -33.27 -15.06
C LYS B 27 -2.17 -33.51 -16.31
N THR B 28 -0.84 -33.40 -16.18
CA THR B 28 0.04 -33.66 -17.31
C THR B 28 -0.04 -35.11 -17.75
N MET B 29 -0.07 -36.04 -16.80
CA MET B 29 -0.15 -37.46 -17.15
C MET B 29 -1.48 -37.79 -17.82
N LEU B 30 -2.56 -37.10 -17.45
CA LEU B 30 -3.84 -37.31 -18.10
C LEU B 30 -3.88 -36.65 -19.48
N GLU B 31 -3.62 -35.34 -19.52
CA GLU B 31 -3.85 -34.58 -20.74
C GLU B 31 -2.76 -34.81 -21.79
N ASP B 32 -1.50 -34.86 -21.38
CA ASP B 32 -0.41 -34.96 -22.33
C ASP B 32 0.06 -36.39 -22.59
N LEU B 33 0.01 -37.27 -21.58
CA LEU B 33 0.45 -38.64 -21.73
C LEU B 33 -0.71 -39.62 -21.88
N GLY B 34 -1.95 -39.19 -21.65
CA GLY B 34 -3.13 -40.02 -21.83
C GLY B 34 -3.08 -41.33 -21.07
N MET B 35 -2.81 -41.27 -19.77
CA MET B 35 -2.60 -42.46 -18.95
C MET B 35 -3.82 -42.75 -18.09
N ASP B 36 -4.30 -43.99 -18.14
CA ASP B 36 -5.31 -44.46 -17.23
C ASP B 36 -5.05 -45.94 -16.91
N PRO B 37 -4.89 -46.30 -15.63
CA PRO B 37 -4.88 -45.37 -14.49
C PRO B 37 -3.61 -44.54 -14.41
N VAL B 38 -3.53 -43.66 -13.42
CA VAL B 38 -2.37 -42.80 -13.22
C VAL B 38 -1.49 -43.45 -12.15
N PRO B 39 -0.35 -44.05 -12.53
CA PRO B 39 0.53 -44.62 -11.50
C PRO B 39 1.23 -43.52 -10.73
N LEU B 40 1.34 -43.72 -9.41
CA LEU B 40 2.02 -42.78 -8.51
C LEU B 40 3.03 -43.56 -7.70
N PRO B 41 4.19 -43.88 -8.28
CA PRO B 41 5.19 -44.69 -7.57
C PRO B 41 5.81 -44.01 -6.36
N ASN B 42 5.64 -42.69 -6.21
CA ASN B 42 6.26 -41.96 -5.12
C ASN B 42 5.29 -41.61 -4.00
N VAL B 43 4.03 -42.07 -4.09
CA VAL B 43 3.00 -41.73 -3.12
C VAL B 43 2.33 -43.03 -2.67
N ASN B 44 2.43 -43.34 -1.38
CA ASN B 44 1.75 -44.53 -0.88
C ASN B 44 0.28 -44.22 -0.61
N ALA B 45 -0.48 -45.27 -0.29
CA ALA B 45 -1.93 -45.13 -0.17
C ALA B 45 -2.33 -44.24 1.01
N ALA B 46 -1.58 -44.30 2.12
CA ALA B 46 -1.96 -43.52 3.29
C ALA B 46 -1.85 -42.03 3.01
N ILE B 47 -0.75 -41.61 2.36
CA ILE B 47 -0.58 -40.19 2.07
C ILE B 47 -1.50 -39.77 0.92
N LEU B 48 -1.68 -40.63 -0.08
CA LEU B 48 -2.54 -40.28 -1.21
C LEU B 48 -3.96 -40.02 -0.77
N LYS B 49 -4.50 -40.88 0.11
CA LYS B 49 -5.84 -40.64 0.64
C LYS B 49 -5.89 -39.33 1.41
N LYS B 50 -4.83 -39.02 2.16
CA LYS B 50 -4.75 -37.73 2.85
C LYS B 50 -4.73 -36.58 1.84
N VAL B 51 -4.01 -36.76 0.72
CA VAL B 51 -3.93 -35.71 -0.28
C VAL B 51 -5.28 -35.53 -0.98
N ILE B 52 -5.93 -36.63 -1.36
CA ILE B 52 -7.23 -36.54 -2.01
C ILE B 52 -8.23 -35.81 -1.12
N GLN B 53 -8.22 -36.12 0.18
CA GLN B 53 -9.11 -35.44 1.12
C GLN B 53 -8.86 -33.94 1.11
N TRP B 54 -7.59 -33.52 1.08
CA TRP B 54 -7.28 -32.10 1.03
C TRP B 54 -7.73 -31.47 -0.29
N CYS B 55 -7.58 -32.21 -1.40
CA CYS B 55 -7.92 -31.64 -2.70
C CYS B 55 -9.43 -31.48 -2.88
N THR B 56 -10.21 -32.46 -2.40
CA THR B 56 -11.66 -32.34 -2.49
C THR B 56 -12.17 -31.14 -1.70
N HIS B 57 -11.65 -30.96 -0.48
CA HIS B 57 -12.09 -29.85 0.37
C HIS B 57 -11.71 -28.50 -0.20
N HIS B 58 -10.69 -28.43 -1.07
CA HIS B 58 -10.19 -27.17 -1.61
C HIS B 58 -10.51 -27.00 -3.10
N LYS B 59 -11.61 -27.58 -3.55
CA LYS B 59 -12.00 -27.49 -4.96
C LYS B 59 -12.26 -26.06 -5.41
N PRO B 63 -6.63 -21.09 -1.11
CA PRO B 63 -6.19 -21.12 0.30
C PRO B 63 -5.32 -19.93 0.67
N ASP B 64 -5.87 -18.99 1.42
CA ASP B 64 -5.12 -17.83 1.90
C ASP B 64 -4.57 -18.14 3.28
N ASP B 65 -3.24 -18.18 3.39
CA ASP B 65 -2.53 -18.52 4.63
C ASP B 65 -3.00 -19.92 5.04
N ILE B 66 -3.32 -20.16 6.32
CA ILE B 66 -3.76 -21.47 6.77
C ILE B 66 -5.11 -21.33 7.46
N PRO B 67 -6.21 -21.83 6.87
CA PRO B 67 -7.51 -21.75 7.54
C PRO B 67 -7.62 -22.73 8.70
N VAL B 68 -8.80 -22.80 9.34
CA VAL B 68 -8.97 -23.64 10.51
C VAL B 68 -9.01 -25.12 10.11
N TRP B 69 -9.64 -25.42 8.97
CA TRP B 69 -9.71 -26.81 8.52
C TRP B 69 -8.32 -27.35 8.19
N ASP B 70 -7.45 -26.50 7.62
CA ASP B 70 -6.11 -26.96 7.27
C ASP B 70 -5.26 -27.21 8.50
N GLN B 71 -5.43 -26.37 9.54
CA GLN B 71 -4.69 -26.60 10.78
C GLN B 71 -5.06 -27.93 11.40
N GLU B 72 -6.35 -28.26 11.41
CA GLU B 72 -6.77 -29.57 11.92
C GLU B 72 -6.30 -30.69 11.00
N PHE B 73 -6.30 -30.45 9.68
CA PHE B 73 -5.82 -31.45 8.74
C PHE B 73 -4.34 -31.73 8.95
N LEU B 74 -3.58 -30.74 9.41
CA LEU B 74 -2.13 -30.87 9.58
C LEU B 74 -1.72 -31.21 11.01
N LYS B 75 -2.68 -31.61 11.85
CA LYS B 75 -2.38 -32.05 13.21
C LYS B 75 -1.87 -33.50 13.15
N VAL B 76 -0.68 -33.65 12.56
CA VAL B 76 -0.02 -34.95 12.39
C VAL B 76 1.41 -34.81 12.88
N ASP B 77 2.09 -35.95 12.99
CA ASP B 77 3.49 -35.91 13.40
C ASP B 77 4.36 -35.36 12.28
N GLN B 78 5.58 -34.97 12.65
CA GLN B 78 6.44 -34.29 11.68
C GLN B 78 6.84 -35.19 10.53
N GLY B 79 6.96 -36.51 10.78
CA GLY B 79 7.22 -37.43 9.69
C GLY B 79 6.12 -37.44 8.65
N THR B 80 4.86 -37.36 9.11
CA THR B 80 3.74 -37.31 8.18
C THR B 80 3.67 -35.96 7.48
N LEU B 81 3.94 -34.88 8.21
CA LEU B 81 4.03 -33.57 7.58
C LEU B 81 5.13 -33.53 6.53
N PHE B 82 6.26 -34.18 6.81
CA PHE B 82 7.33 -34.30 5.82
C PHE B 82 6.86 -35.04 4.58
N GLU B 83 6.17 -36.17 4.77
CA GLU B 83 5.66 -36.93 3.63
C GLU B 83 4.62 -36.14 2.84
N LEU B 84 3.86 -35.27 3.50
CA LEU B 84 2.89 -34.45 2.77
C LEU B 84 3.57 -33.41 1.92
N ILE B 85 4.64 -32.79 2.44
CA ILE B 85 5.44 -31.86 1.64
C ILE B 85 5.99 -32.56 0.42
N LEU B 86 6.51 -33.78 0.60
CA LEU B 86 7.08 -34.51 -0.53
C LEU B 86 6.02 -34.84 -1.56
N ALA B 87 4.85 -35.32 -1.11
CA ALA B 87 3.77 -35.63 -2.04
C ALA B 87 3.31 -34.38 -2.78
N ALA B 88 3.13 -33.26 -2.07
CA ALA B 88 2.72 -32.03 -2.73
C ALA B 88 3.75 -31.55 -3.73
N ASN B 89 5.05 -31.77 -3.45
CA ASN B 89 6.09 -31.46 -4.43
C ASN B 89 6.00 -32.39 -5.62
N TYR B 90 5.93 -33.70 -5.37
CA TYR B 90 5.87 -34.67 -6.46
C TYR B 90 4.63 -34.48 -7.33
N LEU B 91 3.50 -34.19 -6.70
CA LEU B 91 2.25 -34.02 -7.43
C LEU B 91 2.04 -32.59 -7.93
N ASP B 92 2.89 -31.65 -7.52
CA ASP B 92 2.78 -30.24 -7.90
C ASP B 92 1.41 -29.68 -7.53
N ILE B 93 1.09 -29.77 -6.24
CA ILE B 93 -0.08 -29.13 -5.68
C ILE B 93 0.39 -27.92 -4.88
N LYS B 94 0.41 -26.76 -5.53
CA LYS B 94 0.99 -25.57 -4.92
C LYS B 94 0.27 -25.20 -3.62
N GLY B 95 -1.06 -25.36 -3.59
CA GLY B 95 -1.80 -25.03 -2.38
C GLY B 95 -1.40 -25.87 -1.19
N LEU B 96 -1.24 -27.18 -1.41
CA LEU B 96 -0.85 -28.07 -0.31
C LEU B 96 0.60 -27.83 0.09
N LEU B 97 1.47 -27.53 -0.88
CA LEU B 97 2.86 -27.26 -0.55
C LEU B 97 2.99 -25.98 0.29
N ASP B 98 2.15 -24.98 0.00
CA ASP B 98 2.24 -23.72 0.72
C ASP B 98 1.79 -23.86 2.18
N VAL B 99 0.68 -24.57 2.41
CA VAL B 99 0.14 -24.68 3.76
C VAL B 99 1.07 -25.52 4.65
N THR B 100 1.68 -26.56 4.09
CA THR B 100 2.58 -27.40 4.87
C THR B 100 3.89 -26.67 5.16
N CYS B 101 4.41 -25.93 4.17
CA CYS B 101 5.63 -25.18 4.39
C CYS B 101 5.42 -24.03 5.38
N LYS B 102 4.29 -23.33 5.26
CA LYS B 102 3.96 -22.31 6.26
C LYS B 102 3.80 -22.93 7.64
N THR B 103 3.26 -24.14 7.71
CA THR B 103 3.12 -24.81 9.01
C THR B 103 4.48 -25.08 9.64
N VAL B 104 5.47 -25.49 8.84
CA VAL B 104 6.80 -25.71 9.41
C VAL B 104 7.40 -24.40 9.88
N ALA B 105 7.22 -23.33 9.08
CA ALA B 105 7.73 -22.02 9.48
C ALA B 105 7.08 -21.56 10.79
N ASN B 106 5.80 -21.87 10.97
CA ASN B 106 5.12 -21.50 12.20
C ASN B 106 5.67 -22.26 13.40
N MET B 107 6.23 -23.45 13.18
CA MET B 107 6.88 -24.18 14.26
C MET B 107 8.27 -23.66 14.56
N ILE B 108 8.82 -22.80 13.71
CA ILE B 108 10.15 -22.23 13.91
C ILE B 108 10.09 -20.84 14.53
N LYS B 109 9.11 -20.03 14.12
CA LYS B 109 9.09 -18.61 14.49
C LYS B 109 8.89 -18.40 15.98
N GLY B 110 9.46 -17.32 16.49
CA GLY B 110 9.29 -16.94 17.88
C GLY B 110 9.94 -17.87 18.88
N LYS B 111 10.97 -18.60 18.49
CA LYS B 111 11.64 -19.56 19.35
C LYS B 111 13.14 -19.29 19.38
N THR B 112 13.74 -19.56 20.54
CA THR B 112 15.18 -19.55 20.66
C THR B 112 15.78 -20.71 19.86
N PRO B 113 17.08 -20.63 19.51
CA PRO B 113 17.71 -21.78 18.83
C PRO B 113 17.55 -23.09 19.59
N GLU B 114 17.68 -23.07 20.91
CA GLU B 114 17.54 -24.31 21.67
C GLU B 114 16.10 -24.82 21.62
N GLU B 115 15.12 -23.90 21.65
CA GLU B 115 13.73 -24.31 21.51
C GLU B 115 13.45 -24.89 20.13
N ILE B 116 14.08 -24.36 19.09
CA ILE B 116 13.94 -24.94 17.75
C ILE B 116 14.53 -26.35 17.72
N ARG B 117 15.73 -26.51 18.27
CA ARG B 117 16.36 -27.83 18.34
C ARG B 117 15.45 -28.85 19.00
N LYS B 118 14.84 -28.47 20.13
CA LYS B 118 13.96 -29.40 20.84
C LYS B 118 12.71 -29.72 20.03
N THR B 119 12.19 -28.74 19.28
CA THR B 119 11.01 -28.99 18.46
C THR B 119 11.25 -30.09 17.44
N PHE B 120 12.41 -30.05 16.78
CA PHE B 120 12.70 -30.93 15.65
C PHE B 120 13.71 -32.01 15.99
N ASN B 121 14.14 -32.13 17.25
CA ASN B 121 15.11 -33.14 17.68
C ASN B 121 16.43 -32.99 16.92
N ILE B 122 17.02 -31.80 17.03
CA ILE B 122 18.23 -31.44 16.30
C ILE B 122 19.36 -31.24 17.31
N LYS B 123 20.50 -31.86 17.03
CA LYS B 123 21.68 -31.71 17.89
C LYS B 123 22.50 -30.49 17.45
N ASN B 124 22.97 -29.74 18.44
CA ASN B 124 23.82 -28.58 18.16
C ASN B 124 25.23 -29.06 17.82
N ASP B 125 25.67 -28.78 16.60
CA ASP B 125 26.98 -29.24 16.14
C ASP B 125 27.97 -28.10 15.92
N PHE B 126 27.66 -26.90 16.40
CA PHE B 126 28.61 -25.80 16.35
C PHE B 126 29.74 -26.03 17.35
N THR B 127 30.95 -25.62 16.99
CA THR B 127 31.98 -25.43 18.00
C THR B 127 31.67 -24.17 18.79
N GLU B 128 32.31 -24.05 19.95
CA GLU B 128 32.13 -22.85 20.77
C GLU B 128 32.53 -21.59 20.00
N GLU B 129 33.66 -21.65 19.29
CA GLU B 129 34.12 -20.48 18.55
C GLU B 129 33.17 -20.15 17.40
N GLU B 130 32.68 -21.17 16.69
CA GLU B 130 31.79 -20.94 15.55
C GLU B 130 30.47 -20.32 16.00
N GLU B 131 29.90 -20.84 17.09
CA GLU B 131 28.61 -20.31 17.55
C GLU B 131 28.73 -18.87 18.02
N ALA B 132 29.81 -18.56 18.74
CA ALA B 132 30.04 -17.18 19.18
C ALA B 132 30.18 -16.24 17.99
N GLN B 133 30.83 -16.70 16.93
CA GLN B 133 30.99 -15.88 15.74
C GLN B 133 29.65 -15.65 15.03
N VAL B 134 28.84 -16.69 14.89
CA VAL B 134 27.51 -16.52 14.32
C VAL B 134 26.68 -15.60 15.21
N ARG B 135 26.85 -15.71 16.53
CA ARG B 135 26.10 -14.85 17.44
C ARG B 135 26.60 -13.42 17.39
N LYS B 136 27.91 -13.21 17.21
CA LYS B 136 28.43 -11.86 17.13
C LYS B 136 27.93 -11.15 15.89
N GLU B 137 27.79 -11.87 14.77
CA GLU B 137 27.36 -11.25 13.53
C GLU B 137 25.84 -11.05 13.45
N ASN B 138 25.12 -11.34 14.52
CA ASN B 138 23.70 -10.97 14.60
C ASN B 138 23.36 -10.50 16.02
N LEU C 16 -12.42 34.44 1.59
CA LEU C 16 -12.08 33.07 1.21
C LEU C 16 -11.37 33.02 -0.13
N ASP C 17 -10.53 32.00 -0.30
CA ASP C 17 -9.80 31.83 -1.54
C ASP C 17 -10.72 31.27 -2.62
N GLY C 19 -10.58 28.57 -4.26
CA GLY C 19 -10.65 27.12 -4.30
C GLY C 19 -11.81 26.48 -3.54
N ILE C 20 -12.38 27.19 -2.56
CA ILE C 20 -13.46 26.67 -1.74
C ILE C 20 -14.50 27.76 -1.55
N HIS C 21 -15.75 27.34 -1.32
CA HIS C 21 -16.82 28.28 -1.08
C HIS C 21 -17.75 27.74 0.00
N SER C 22 -18.27 28.66 0.80
CA SER C 22 -19.20 28.34 1.86
C SER C 22 -20.62 28.25 1.29
N GLY C 23 -21.57 27.90 2.16
CA GLY C 23 -22.97 27.88 1.81
C GLY C 23 -23.70 29.19 1.93
N ALA C 24 -22.97 30.29 2.17
CA ALA C 24 -23.59 31.60 2.24
C ALA C 24 -24.08 32.04 0.86
N THR C 25 -24.99 33.00 0.85
CA THR C 25 -25.54 33.53 -0.39
C THR C 25 -24.48 34.28 -1.21
#